data_6VDZ
#
_entry.id   6VDZ
#
_cell.length_a   59.883
_cell.length_b   59.883
_cell.length_c   160.744
_cell.angle_alpha   90.000
_cell.angle_beta   90.000
_cell.angle_gamma   120.000
#
_symmetry.space_group_name_H-M   'P 31 2 1'
#
loop_
_entity.id
_entity.type
_entity.pdbx_description
1 polymer '3-methyl-L-tyrosine peroxygenase'
2 non-polymer 'HEME C'
#
_entity_poly.entity_id   1
_entity_poly.type   'polypeptide(L)'
_entity_poly.pdbx_seq_one_letter_code
;MTAPADTVHPAGQPDYVAQVATVPFRLGRPEELPGTLDELRAAVSARAGEAVRGLNRPGARTDLAALLAATERTRAALAP
VGAGPVGDDPSESEANRDNDLAFGIVRTRGPVAELLVDAALAALAGILEVAVDRGSDLEDAAWQRFIGGFDALLGWLADP
HSAPRPATVPGAGPAGPPVHQDALRRWVRGHHVFMVLAQGCALATACLRDSAARGDLPGAEASAAAAEALMRGCQGALLY
AGDANREQYNEQIRPTLMPPVAPPKMSGLHWRDHEVLIKELAGSRDAWEWLSAQGSERPATFRAALAETYDSHIGVCGHF
VGDQSPSLLAAQGSTRSAVGVIGQFRKIRLSALPEQPATQQGEPS
;
_entity_poly.pdbx_strand_id   A
#
loop_
_chem_comp.id
_chem_comp.type
_chem_comp.name
_chem_comp.formula
HEC non-polymer 'HEME C' 'C34 H34 Fe N4 O4'
#
# COMPACT_ATOMS: atom_id res chain seq x y z
N ALA A 18 17.63 -3.82 -8.75
CA ALA A 18 17.85 -4.20 -10.13
C ALA A 18 17.61 -3.03 -11.06
N GLN A 19 17.66 -1.81 -10.51
CA GLN A 19 17.45 -0.55 -11.22
C GLN A 19 16.02 -0.40 -11.72
N VAL A 20 15.21 -1.44 -11.58
CA VAL A 20 13.76 -1.33 -11.83
C VAL A 20 13.02 -0.88 -10.58
N ALA A 21 13.48 -1.34 -9.41
CA ALA A 21 12.93 -0.91 -8.14
C ALA A 21 14.04 -0.82 -7.10
N THR A 22 13.76 -0.08 -6.03
CA THR A 22 14.72 0.04 -4.94
C THR A 22 14.71 -1.24 -4.12
N VAL A 23 15.87 -1.89 -4.02
CA VAL A 23 15.96 -3.22 -3.39
C VAL A 23 17.10 -3.22 -2.37
N PRO A 24 16.96 -3.93 -1.23
CA PRO A 24 15.75 -4.68 -0.86
C PRO A 24 14.65 -3.78 -0.28
N PHE A 25 13.39 -4.15 -0.48
CA PHE A 25 12.28 -3.40 0.07
C PHE A 25 12.05 -3.85 1.50
N ARG A 26 12.45 -3.03 2.46
CA ARG A 26 12.33 -3.41 3.86
C ARG A 26 10.88 -3.34 4.31
N LEU A 27 10.45 -4.36 5.05
CA LEU A 27 9.05 -4.50 5.41
C LEU A 27 8.97 -5.29 6.71
N GLY A 28 7.91 -5.02 7.48
CA GLY A 28 7.70 -5.72 8.74
C GLY A 28 6.95 -7.03 8.56
N ARG A 29 6.91 -7.80 9.65
CA ARG A 29 6.13 -9.02 9.67
C ARG A 29 4.68 -8.67 9.95
N PRO A 30 3.77 -8.93 9.01
CA PRO A 30 2.36 -8.51 9.21
C PRO A 30 1.69 -9.18 10.40
N GLU A 31 2.26 -10.26 10.93
CA GLU A 31 1.68 -10.90 12.09
C GLU A 31 1.87 -10.07 13.36
N GLU A 32 3.02 -9.41 13.48
CA GLU A 32 3.34 -8.61 14.66
C GLU A 32 2.70 -7.24 14.65
N LEU A 33 1.85 -6.95 13.65
CA LEU A 33 1.22 -5.64 13.57
C LEU A 33 0.39 -5.37 14.81
N PRO A 34 0.40 -4.14 15.34
CA PRO A 34 -0.45 -3.81 16.49
C PRO A 34 -1.92 -4.14 16.22
N GLY A 35 -2.63 -4.53 17.26
CA GLY A 35 -3.98 -5.05 17.11
C GLY A 35 -5.09 -4.14 17.59
N THR A 36 -4.78 -3.17 18.46
CA THR A 36 -5.79 -2.27 19.01
C THR A 36 -5.37 -0.83 18.76
N LEU A 37 -6.34 0.08 18.86
CA LEU A 37 -6.12 1.47 18.50
C LEU A 37 -5.16 2.19 19.45
N ASP A 38 -5.03 1.72 20.69
CA ASP A 38 -4.07 2.33 21.60
C ASP A 38 -2.67 1.80 21.37
N GLU A 39 -2.52 0.48 21.19
CA GLU A 39 -1.22 -0.10 20.89
C GLU A 39 -0.67 0.43 19.58
N LEU A 40 -1.54 0.71 18.61
CA LEU A 40 -1.09 1.29 17.35
C LEU A 40 -0.58 2.71 17.54
N ARG A 41 -1.27 3.50 18.37
CA ARG A 41 -0.92 4.91 18.51
C ARG A 41 0.42 5.06 19.25
N ALA A 42 0.57 4.40 20.39
CA ALA A 42 1.82 4.50 21.14
C ALA A 42 3.01 3.99 20.35
N ALA A 43 2.78 3.17 19.32
CA ALA A 43 3.86 2.59 18.55
C ALA A 43 4.23 3.40 17.33
N VAL A 44 3.24 3.98 16.62
CA VAL A 44 3.47 4.47 15.27
C VAL A 44 3.07 5.93 15.08
N SER A 45 2.28 6.49 16.00
CA SER A 45 1.74 7.84 15.79
C SER A 45 2.82 8.91 15.79
N ALA A 46 3.95 8.68 16.47
CA ALA A 46 5.01 9.68 16.48
C ALA A 46 5.77 9.71 15.15
N ARG A 47 6.05 8.53 14.58
CA ARG A 47 6.78 8.50 13.32
C ARG A 47 5.87 8.82 12.14
N ALA A 48 4.59 8.47 12.23
CA ALA A 48 3.66 8.77 11.14
C ALA A 48 3.39 10.27 11.05
N GLY A 49 3.10 10.90 12.19
CA GLY A 49 2.91 12.34 12.20
C GLY A 49 4.11 13.10 11.68
N GLU A 50 5.32 12.57 11.90
CA GLU A 50 6.51 13.12 11.26
C GLU A 50 6.39 13.03 9.75
N ALA A 51 5.99 11.86 9.24
CA ALA A 51 5.87 11.69 7.80
C ALA A 51 4.76 12.55 7.23
N VAL A 52 3.66 12.71 7.97
CA VAL A 52 2.57 13.57 7.51
C VAL A 52 3.05 15.01 7.40
N ARG A 53 3.78 15.48 8.41
CA ARG A 53 4.34 16.83 8.35
C ARG A 53 5.30 16.99 7.18
N GLY A 54 5.98 15.91 6.79
CA GLY A 54 6.91 15.99 5.69
C GLY A 54 6.22 16.11 4.35
N LEU A 55 5.15 15.32 4.15
CA LEU A 55 4.45 15.27 2.88
C LEU A 55 3.44 16.40 2.71
N ASN A 56 3.28 17.27 3.72
CA ASN A 56 2.40 18.42 3.60
C ASN A 56 3.10 19.71 4.02
N ARG A 57 4.43 19.70 4.08
CA ARG A 57 5.17 20.93 4.31
C ARG A 57 4.99 21.86 3.11
N PRO A 58 5.09 23.18 3.32
CA PRO A 58 4.70 24.12 2.26
C PRO A 58 5.46 23.90 0.96
N GLY A 59 4.73 24.01 -0.15
CA GLY A 59 5.27 23.83 -1.48
C GLY A 59 5.28 22.40 -1.97
N ALA A 60 5.12 21.43 -1.07
CA ALA A 60 5.21 20.02 -1.44
C ALA A 60 4.09 19.57 -2.37
N ARG A 61 2.99 20.33 -2.46
CA ARG A 61 1.84 19.92 -3.25
C ARG A 61 1.63 20.82 -4.47
N THR A 62 2.63 21.63 -4.84
CA THR A 62 2.49 22.46 -6.03
C THR A 62 2.36 21.62 -7.28
N ASP A 63 3.27 20.66 -7.46
CA ASP A 63 3.21 19.73 -8.58
C ASP A 63 3.72 18.37 -8.09
N LEU A 64 3.88 17.44 -9.04
CA LEU A 64 4.36 16.11 -8.71
C LEU A 64 5.85 16.07 -8.42
N ALA A 65 6.60 17.10 -8.82
CA ALA A 65 8.04 17.13 -8.57
C ALA A 65 8.34 17.46 -7.12
N ALA A 66 7.75 18.53 -6.60
CA ALA A 66 7.97 18.91 -5.21
C ALA A 66 7.44 17.87 -4.23
N LEU A 67 6.46 17.07 -4.66
CA LEU A 67 5.96 16.00 -3.80
C LEU A 67 6.99 14.90 -3.64
N LEU A 68 7.72 14.57 -4.71
CA LEU A 68 8.78 13.58 -4.62
C LEU A 68 9.94 14.09 -3.76
N ALA A 69 10.32 15.35 -3.94
CA ALA A 69 11.39 15.92 -3.13
C ALA A 69 10.99 15.94 -1.66
N ALA A 70 9.73 16.27 -1.37
CA ALA A 70 9.26 16.24 0.01
C ALA A 70 9.30 14.83 0.57
N THR A 71 8.98 13.84 -0.25
CA THR A 71 9.04 12.45 0.19
C THR A 71 10.45 12.06 0.57
N GLU A 72 11.45 12.58 -0.14
CA GLU A 72 12.84 12.21 0.13
C GLU A 72 13.39 12.96 1.34
N ARG A 73 13.08 14.25 1.48
CA ARG A 73 13.48 14.98 2.67
C ARG A 73 12.91 14.33 3.92
N THR A 74 11.67 13.85 3.84
CA THR A 74 11.02 13.26 5.01
C THR A 74 11.76 12.02 5.48
N ARG A 75 11.80 10.98 4.64
CA ARG A 75 12.45 9.73 5.03
C ARG A 75 13.95 9.89 5.23
N ALA A 76 14.57 10.93 4.67
CA ALA A 76 15.96 11.20 5.02
C ALA A 76 16.07 11.70 6.45
N ALA A 77 15.21 12.64 6.82
CA ALA A 77 15.24 13.20 8.18
C ALA A 77 14.87 12.16 9.22
N LEU A 78 14.04 11.17 8.87
CA LEU A 78 13.60 10.18 9.84
C LEU A 78 14.74 9.27 10.27
N ALA A 79 14.93 9.12 11.57
CA ALA A 79 15.92 8.19 12.11
C ALA A 79 15.53 6.76 11.76
N PRO A 80 16.26 6.08 10.89
CA PRO A 80 15.83 4.75 10.44
C PRO A 80 15.80 3.75 11.60
N VAL A 81 14.76 2.91 11.60
CA VAL A 81 14.52 1.97 12.68
C VAL A 81 14.88 0.54 12.30
N GLY A 82 15.32 0.31 11.07
CA GLY A 82 15.59 -1.03 10.59
C GLY A 82 16.67 -1.76 11.37
N ALA A 83 16.27 -2.75 12.17
CA ALA A 83 17.22 -3.54 12.95
C ALA A 83 17.73 -4.71 12.14
N GLY A 84 17.86 -4.54 10.83
CA GLY A 84 18.40 -5.56 9.96
C GLY A 84 17.37 -6.56 9.51
N PRO A 85 17.79 -7.49 8.64
CA PRO A 85 16.87 -8.51 8.14
C PRO A 85 16.42 -9.44 9.26
N VAL A 86 15.21 -9.99 9.09
CA VAL A 86 14.67 -10.93 10.08
C VAL A 86 15.50 -12.19 10.11
N GLY A 87 15.63 -12.85 8.97
CA GLY A 87 16.47 -14.04 8.84
C GLY A 87 15.69 -15.31 9.16
N ASP A 88 16.14 -16.04 10.18
CA ASP A 88 15.52 -17.31 10.58
C ASP A 88 14.10 -17.06 11.05
N ASP A 89 13.13 -17.31 10.19
CA ASP A 89 11.72 -17.13 10.50
C ASP A 89 11.00 -18.46 10.45
N PRO A 90 10.59 -19.02 11.59
CA PRO A 90 9.90 -20.33 11.57
C PRO A 90 8.48 -20.28 11.05
N SER A 91 7.81 -19.13 11.13
CA SER A 91 6.46 -18.99 10.62
C SER A 91 6.41 -18.68 9.13
N GLU A 92 7.57 -18.49 8.49
CA GLU A 92 7.63 -18.19 7.08
C GLU A 92 7.78 -19.48 6.29
N SER A 93 6.92 -19.66 5.29
CA SER A 93 7.06 -20.77 4.35
C SER A 93 7.86 -20.31 3.13
N GLU A 94 8.34 -21.29 2.37
CA GLU A 94 8.98 -20.97 1.10
C GLU A 94 7.98 -20.39 0.11
N ALA A 95 6.68 -20.65 0.30
CA ALA A 95 5.67 -19.98 -0.50
C ALA A 95 5.59 -18.50 -0.15
N ASN A 96 5.97 -18.13 1.08
CA ASN A 96 6.09 -16.73 1.46
C ASN A 96 7.45 -16.16 1.07
N ARG A 97 8.50 -16.99 1.13
CA ARG A 97 9.85 -16.51 0.87
C ARG A 97 10.09 -16.27 -0.61
N ASP A 98 9.81 -17.28 -1.44
CA ASP A 98 9.93 -17.11 -2.89
C ASP A 98 9.03 -15.97 -3.36
N ASN A 99 7.86 -15.81 -2.74
CA ASN A 99 6.98 -14.69 -3.05
C ASN A 99 7.64 -13.37 -2.64
N ASP A 100 8.36 -13.35 -1.52
CA ASP A 100 9.05 -12.16 -1.08
C ASP A 100 10.28 -11.87 -1.93
N LEU A 101 11.03 -12.91 -2.31
CA LEU A 101 12.18 -12.71 -3.19
C LEU A 101 11.75 -12.17 -4.54
N ALA A 102 10.63 -12.68 -5.07
CA ALA A 102 10.23 -12.36 -6.44
C ALA A 102 10.09 -10.86 -6.65
N PHE A 103 9.82 -10.09 -5.60
CA PHE A 103 9.73 -8.64 -5.69
C PHE A 103 10.71 -7.94 -4.75
N GLY A 104 11.83 -8.60 -4.42
CA GLY A 104 12.87 -7.97 -3.64
C GLY A 104 12.48 -7.55 -2.24
N ILE A 105 11.53 -8.23 -1.64
CA ILE A 105 11.08 -7.90 -0.28
C ILE A 105 11.99 -8.58 0.72
N VAL A 106 12.38 -7.84 1.76
CA VAL A 106 13.14 -8.39 2.88
C VAL A 106 12.39 -8.05 4.16
N ARG A 107 12.01 -9.07 4.91
CA ARG A 107 11.39 -8.84 6.22
C ARG A 107 12.45 -8.32 7.18
N THR A 108 12.14 -7.20 7.84
CA THR A 108 13.11 -6.47 8.64
C THR A 108 12.69 -6.47 10.11
N ARG A 109 13.66 -6.62 11.00
CA ARG A 109 13.41 -6.60 12.43
C ARG A 109 13.21 -5.18 12.92
N GLY A 110 12.36 -5.04 13.95
CA GLY A 110 12.19 -3.77 14.60
C GLY A 110 10.74 -3.38 14.78
N PRO A 111 10.50 -2.09 15.01
CA PRO A 111 9.11 -1.61 15.17
C PRO A 111 8.29 -1.84 13.92
N VAL A 112 7.54 -2.95 13.90
CA VAL A 112 6.81 -3.37 12.70
C VAL A 112 5.91 -2.25 12.19
N ALA A 113 5.22 -1.57 13.11
CA ALA A 113 4.36 -0.46 12.70
C ALA A 113 5.17 0.69 12.11
N GLU A 114 6.28 1.05 12.76
CA GLU A 114 7.13 2.12 12.25
C GLU A 114 7.83 1.72 10.96
N LEU A 115 8.11 0.43 10.78
CA LEU A 115 8.64 -0.04 9.50
C LEU A 115 7.64 0.18 8.38
N LEU A 116 6.35 -0.02 8.69
CA LEU A 116 5.30 0.25 7.70
C LEU A 116 5.28 1.70 7.27
N VAL A 117 5.69 2.61 8.17
CA VAL A 117 5.78 4.02 7.79
C VAL A 117 6.94 4.23 6.82
N ASP A 118 8.07 3.53 7.05
CA ASP A 118 9.20 3.66 6.14
C ASP A 118 8.91 2.99 4.80
N ALA A 119 8.25 1.83 4.82
CA ALA A 119 7.91 1.15 3.57
C ALA A 119 6.95 1.99 2.74
N ALA A 120 6.02 2.69 3.41
CA ALA A 120 5.09 3.55 2.68
C ALA A 120 5.82 4.70 2.03
N LEU A 121 6.71 5.36 2.76
CA LEU A 121 7.49 6.45 2.18
C LEU A 121 8.40 5.96 1.08
N ALA A 122 8.93 4.74 1.21
CA ALA A 122 9.81 4.20 0.20
C ALA A 122 9.02 3.82 -1.05
N ALA A 123 7.91 3.10 -0.89
CA ALA A 123 7.13 2.67 -2.05
C ALA A 123 6.51 3.85 -2.78
N LEU A 124 6.09 4.88 -2.06
CA LEU A 124 5.54 6.06 -2.71
C LEU A 124 6.59 6.76 -3.56
N ALA A 125 7.79 6.96 -3.00
CA ALA A 125 8.86 7.59 -3.75
C ALA A 125 9.19 6.79 -5.01
N GLY A 126 9.13 5.46 -4.91
CA GLY A 126 9.34 4.64 -6.10
C GLY A 126 8.29 4.87 -7.16
N ILE A 127 7.03 5.06 -6.75
CA ILE A 127 5.98 5.36 -7.71
C ILE A 127 6.16 6.75 -8.29
N LEU A 128 6.64 7.70 -7.48
CA LEU A 128 6.75 9.09 -7.93
C LEU A 128 7.89 9.33 -8.90
N GLU A 129 8.93 8.47 -8.88
CA GLU A 129 10.04 8.65 -9.82
C GLU A 129 9.58 8.49 -11.26
N VAL A 130 8.83 7.41 -11.54
CA VAL A 130 8.41 7.14 -12.91
C VAL A 130 7.47 8.22 -13.41
N ALA A 131 6.54 8.67 -12.55
CA ALA A 131 5.55 9.66 -12.94
C ALA A 131 6.13 11.05 -13.13
N VAL A 132 7.34 11.31 -12.62
CA VAL A 132 7.98 12.60 -12.83
C VAL A 132 8.75 12.64 -14.15
N ASP A 133 9.42 11.54 -14.49
CA ASP A 133 10.16 11.50 -15.75
C ASP A 133 9.24 11.29 -16.95
N ARG A 134 8.25 10.41 -16.81
CA ARG A 134 7.48 9.94 -17.96
C ARG A 134 5.98 9.93 -17.71
N GLY A 135 5.50 10.67 -16.72
CA GLY A 135 4.07 10.85 -16.52
C GLY A 135 3.36 9.52 -16.24
N SER A 136 2.06 9.51 -16.56
CA SER A 136 1.24 8.32 -16.35
C SER A 136 -0.01 8.41 -17.20
N ASP A 137 -0.31 7.34 -17.93
CA ASP A 137 -1.55 7.23 -18.69
C ASP A 137 -2.71 6.73 -17.85
N LEU A 138 -2.56 6.69 -16.53
CA LEU A 138 -3.65 6.30 -15.65
C LEU A 138 -4.63 7.46 -15.52
N GLU A 139 -5.91 7.13 -15.44
CA GLU A 139 -6.94 8.15 -15.39
C GLU A 139 -6.76 9.04 -14.17
N ASP A 140 -6.98 10.35 -14.37
CA ASP A 140 -6.81 11.31 -13.30
C ASP A 140 -7.73 11.05 -12.11
N ALA A 141 -8.79 10.27 -12.30
CA ALA A 141 -9.63 9.90 -11.16
C ALA A 141 -9.06 8.67 -10.44
N ALA A 142 -8.56 7.69 -11.19
CA ALA A 142 -7.94 6.53 -10.56
C ALA A 142 -6.59 6.89 -9.96
N TRP A 143 -5.89 7.86 -10.56
CA TRP A 143 -4.62 8.32 -10.01
C TRP A 143 -4.79 8.91 -8.62
N GLN A 144 -5.95 9.51 -8.34
CA GLN A 144 -6.14 10.20 -7.07
C GLN A 144 -6.28 9.21 -5.91
N ARG A 145 -7.16 8.22 -6.06
CA ARG A 145 -7.33 7.25 -4.99
C ARG A 145 -6.08 6.38 -4.81
N PHE A 146 -5.32 6.18 -5.89
CA PHE A 146 -4.09 5.40 -5.79
C PHE A 146 -3.07 6.09 -4.89
N ILE A 147 -2.91 7.39 -5.03
CA ILE A 147 -1.96 8.10 -4.17
C ILE A 147 -2.60 8.46 -2.84
N GLY A 148 -3.88 8.82 -2.85
CA GLY A 148 -4.62 9.10 -1.63
C GLY A 148 -4.60 7.95 -0.64
N GLY A 149 -4.27 6.74 -1.11
CA GLY A 149 -4.12 5.62 -0.20
C GLY A 149 -2.96 5.80 0.75
N PHE A 150 -1.91 6.49 0.29
CA PHE A 150 -0.80 6.86 1.17
C PHE A 150 -1.24 7.90 2.18
N ASP A 151 -1.86 8.99 1.72
CA ASP A 151 -2.39 10.01 2.62
C ASP A 151 -3.33 9.40 3.65
N ALA A 152 -4.12 8.41 3.22
CA ALA A 152 -5.00 7.70 4.14
C ALA A 152 -4.20 6.94 5.19
N LEU A 153 -3.23 6.13 4.75
CA LEU A 153 -2.47 5.31 5.68
C LEU A 153 -1.71 6.16 6.68
N LEU A 154 -0.93 7.12 6.20
CA LEU A 154 -0.10 7.92 7.09
C LEU A 154 -0.95 8.85 7.95
N GLY A 155 -1.97 9.48 7.35
CA GLY A 155 -2.84 10.34 8.13
C GLY A 155 -3.54 9.60 9.25
N TRP A 156 -3.98 8.37 8.99
CA TRP A 156 -4.63 7.59 10.04
C TRP A 156 -3.61 7.05 11.04
N LEU A 157 -2.43 6.64 10.56
CA LEU A 157 -1.41 6.18 11.49
C LEU A 157 -0.95 7.29 12.41
N ALA A 158 -1.03 8.54 11.95
CA ALA A 158 -0.66 9.66 12.82
C ALA A 158 -1.71 9.88 13.90
N ASP A 159 -2.98 9.58 13.62
CA ASP A 159 -4.06 9.75 14.60
C ASP A 159 -5.08 8.64 14.39
N PRO A 160 -4.84 7.46 14.96
CA PRO A 160 -5.72 6.31 14.69
C PRO A 160 -7.14 6.47 15.20
N HIS A 161 -7.49 7.59 15.81
CA HIS A 161 -8.81 7.77 16.38
C HIS A 161 -9.67 8.77 15.63
N SER A 162 -9.15 9.37 14.56
CA SER A 162 -9.93 10.22 13.67
C SER A 162 -9.82 9.70 12.24
N ALA A 163 -10.88 9.86 11.47
CA ALA A 163 -10.81 9.54 10.06
C ALA A 163 -9.83 10.49 9.38
N PRO A 164 -8.97 10.00 8.50
CA PRO A 164 -8.03 10.89 7.80
C PRO A 164 -8.77 11.79 6.82
N ARG A 165 -8.35 13.06 6.77
CA ARG A 165 -8.94 13.99 5.81
C ARG A 165 -8.09 14.04 4.56
N PRO A 166 -8.69 13.92 3.37
CA PRO A 166 -7.89 13.77 2.14
C PRO A 166 -7.23 15.09 1.76
N ALA A 167 -5.93 15.00 1.46
CA ALA A 167 -5.18 16.16 0.99
C ALA A 167 -5.11 16.17 -0.53
N THR A 168 -4.62 17.27 -1.08
CA THR A 168 -4.50 17.40 -2.51
C THR A 168 -3.39 16.49 -3.03
N VAL A 169 -3.59 15.94 -4.23
CA VAL A 169 -2.61 15.11 -4.90
C VAL A 169 -2.39 15.69 -6.28
N PRO A 170 -1.17 16.11 -6.63
CA PRO A 170 -0.94 16.68 -7.97
C PRO A 170 -1.12 15.63 -9.06
N GLY A 171 -1.48 16.11 -10.24
CA GLY A 171 -1.67 15.22 -11.36
C GLY A 171 -0.35 14.76 -11.95
N ALA A 172 -0.46 13.78 -12.85
CA ALA A 172 0.67 13.27 -13.59
C ALA A 172 0.54 13.68 -15.06
N GLY A 173 1.67 13.92 -15.70
CA GLY A 173 1.68 14.21 -17.12
C GLY A 173 1.22 13.02 -17.92
N PRO A 174 0.81 13.25 -19.17
CA PRO A 174 0.48 12.12 -20.04
C PRO A 174 1.70 11.24 -20.27
N ALA A 175 1.44 9.96 -20.55
CA ALA A 175 2.52 8.99 -20.70
C ALA A 175 3.40 9.37 -21.88
N GLY A 176 4.69 9.57 -21.61
CA GLY A 176 5.63 9.95 -22.63
C GLY A 176 6.06 8.78 -23.48
N PRO A 177 7.36 8.64 -23.69
CA PRO A 177 7.87 7.56 -24.55
C PRO A 177 8.07 6.28 -23.75
N PRO A 178 7.44 5.18 -24.19
CA PRO A 178 7.64 3.90 -23.50
C PRO A 178 9.09 3.45 -23.49
N VAL A 179 9.79 3.71 -22.39
CA VAL A 179 11.16 3.24 -22.23
C VAL A 179 11.17 1.72 -22.07
N HIS A 180 12.28 1.10 -22.46
CA HIS A 180 12.46 -0.33 -22.33
C HIS A 180 12.18 -0.80 -20.90
N GLN A 181 11.21 -1.70 -20.77
CA GLN A 181 10.83 -2.32 -19.50
C GLN A 181 10.40 -1.31 -18.44
N ASP A 182 9.97 -0.12 -18.86
CA ASP A 182 9.40 0.81 -17.89
C ASP A 182 8.09 0.30 -17.33
N ALA A 183 7.38 -0.54 -18.10
CA ALA A 183 6.21 -1.24 -17.59
C ALA A 183 6.61 -2.34 -16.59
N LEU A 184 7.87 -2.74 -16.57
CA LEU A 184 8.37 -3.66 -15.55
C LEU A 184 8.76 -2.92 -14.28
N ARG A 185 9.30 -1.70 -14.41
CA ARG A 185 9.55 -0.86 -13.25
C ARG A 185 8.26 -0.59 -12.51
N ARG A 186 7.21 -0.20 -13.23
CA ARG A 186 5.91 0.01 -12.61
C ARG A 186 5.28 -1.28 -12.10
N TRP A 187 5.69 -2.43 -12.65
CA TRP A 187 5.15 -3.70 -12.20
C TRP A 187 5.73 -4.12 -10.86
N VAL A 188 7.04 -3.92 -10.66
CA VAL A 188 7.65 -4.27 -9.39
C VAL A 188 7.37 -3.19 -8.34
N ARG A 189 7.59 -1.92 -8.71
CA ARG A 189 7.29 -0.82 -7.80
C ARG A 189 5.82 -0.79 -7.42
N GLY A 190 4.95 -1.28 -8.29
CA GLY A 190 3.53 -1.33 -7.95
C GLY A 190 3.22 -2.37 -6.91
N HIS A 191 3.88 -3.53 -6.98
CA HIS A 191 3.65 -4.59 -6.01
C HIS A 191 4.19 -4.25 -4.62
N HIS A 192 5.10 -3.28 -4.51
CA HIS A 192 5.49 -2.82 -3.19
C HIS A 192 4.36 -2.04 -2.53
N VAL A 193 3.67 -1.21 -3.32
CA VAL A 193 2.48 -0.51 -2.82
C VAL A 193 1.44 -1.53 -2.37
N PHE A 194 1.40 -2.70 -3.02
CA PHE A 194 0.47 -3.74 -2.61
C PHE A 194 0.70 -4.13 -1.16
N MET A 195 1.92 -4.55 -0.84
CA MET A 195 2.22 -5.01 0.51
C MET A 195 2.16 -3.88 1.53
N VAL A 196 2.51 -2.66 1.12
CA VAL A 196 2.37 -1.52 2.02
C VAL A 196 0.90 -1.29 2.36
N LEU A 197 0.05 -1.17 1.33
CA LEU A 197 -1.36 -0.92 1.56
C LEU A 197 -2.08 -2.15 2.13
N ALA A 198 -1.56 -3.35 1.90
CA ALA A 198 -2.18 -4.54 2.48
C ALA A 198 -2.00 -4.57 3.99
N GLN A 199 -0.80 -4.27 4.47
CA GLN A 199 -0.56 -4.22 5.91
C GLN A 199 -1.39 -3.12 6.56
N GLY A 200 -1.48 -1.96 5.92
CA GLY A 200 -2.25 -0.87 6.46
C GLY A 200 -3.72 -1.21 6.58
N CYS A 201 -4.32 -1.71 5.50
CA CYS A 201 -5.70 -2.14 5.52
C CYS A 201 -5.93 -3.31 6.47
N ALA A 202 -4.89 -4.12 6.72
CA ALA A 202 -5.01 -5.17 7.72
C ALA A 202 -5.14 -4.57 9.12
N LEU A 203 -4.43 -3.48 9.38
CA LEU A 203 -4.53 -2.81 10.67
C LEU A 203 -5.95 -2.31 10.91
N ALA A 204 -6.41 -1.41 10.04
CA ALA A 204 -7.73 -0.78 10.18
C ALA A 204 -8.85 -1.79 10.30
N THR A 205 -8.66 -3.01 9.80
CA THR A 205 -9.67 -4.05 10.00
C THR A 205 -9.54 -4.67 11.39
N ALA A 206 -8.31 -4.94 11.83
CA ALA A 206 -8.10 -5.49 13.16
C ALA A 206 -8.56 -4.50 14.24
N CYS A 207 -8.28 -3.21 14.03
CA CYS A 207 -8.75 -2.19 14.96
C CYS A 207 -10.26 -2.06 14.92
N LEU A 208 -10.85 -2.13 13.73
CA LEU A 208 -12.31 -2.11 13.61
C LEU A 208 -12.92 -3.30 14.33
N ARG A 209 -12.34 -4.49 14.15
CA ARG A 209 -12.84 -5.67 14.86
C ARG A 209 -12.72 -5.49 16.36
N ASP A 210 -11.56 -5.04 16.84
CA ASP A 210 -11.33 -4.90 18.27
C ASP A 210 -12.19 -3.81 18.87
N SER A 211 -12.27 -2.65 18.21
CA SER A 211 -13.06 -1.54 18.74
C SER A 211 -14.54 -1.91 18.80
N ALA A 212 -15.02 -2.69 17.83
CA ALA A 212 -16.42 -3.09 17.83
C ALA A 212 -16.73 -3.99 19.02
N ALA A 213 -15.86 -4.97 19.29
CA ALA A 213 -16.10 -5.87 20.42
C ALA A 213 -16.01 -5.15 21.75
N ARG A 214 -15.19 -4.11 21.84
CA ARG A 214 -15.03 -3.36 23.08
C ARG A 214 -16.04 -2.23 23.22
N GLY A 215 -16.99 -2.11 22.29
CA GLY A 215 -17.96 -1.04 22.36
C GLY A 215 -17.39 0.34 22.10
N ASP A 216 -16.32 0.42 21.30
CA ASP A 216 -15.69 1.69 20.95
C ASP A 216 -16.28 2.14 19.61
N LEU A 217 -17.42 2.82 19.68
CA LEU A 217 -18.06 3.30 18.45
C LEU A 217 -17.23 4.36 17.73
N PRO A 218 -16.70 5.39 18.38
CA PRO A 218 -15.84 6.34 17.64
C PRO A 218 -14.60 5.68 17.06
N GLY A 219 -13.98 4.77 17.82
CA GLY A 219 -12.82 4.06 17.31
C GLY A 219 -13.16 3.15 16.16
N ALA A 220 -14.36 2.57 16.17
CA ALA A 220 -14.78 1.71 15.07
C ALA A 220 -15.00 2.52 13.79
N GLU A 221 -15.55 3.73 13.93
CA GLU A 221 -15.82 4.56 12.77
C GLU A 221 -14.55 4.99 12.08
N ALA A 222 -13.54 5.43 12.86
CA ALA A 222 -12.30 5.90 12.28
C ALA A 222 -11.54 4.77 11.60
N SER A 223 -11.50 3.59 12.22
CA SER A 223 -10.80 2.46 11.61
C SER A 223 -11.46 2.03 10.31
N ALA A 224 -12.80 2.04 10.28
CA ALA A 224 -13.51 1.70 9.04
C ALA A 224 -13.23 2.74 7.96
N ALA A 225 -13.18 4.01 8.34
CA ALA A 225 -12.88 5.06 7.36
C ALA A 225 -11.47 4.89 6.80
N ALA A 226 -10.52 4.50 7.64
CA ALA A 226 -9.16 4.26 7.17
C ALA A 226 -9.11 3.07 6.23
N ALA A 227 -9.79 1.98 6.59
CA ALA A 227 -9.78 0.78 5.77
C ALA A 227 -10.39 1.05 4.40
N GLU A 228 -11.46 1.84 4.35
CA GLU A 228 -12.13 2.10 3.08
C GLU A 228 -11.24 2.92 2.14
N ALA A 229 -10.64 3.99 2.67
CA ALA A 229 -9.71 4.78 1.85
C ALA A 229 -8.49 3.96 1.46
N LEU A 230 -8.11 2.99 2.29
CA LEU A 230 -7.05 2.07 1.91
C LEU A 230 -7.52 1.05 0.89
N MET A 231 -8.81 0.66 0.94
CA MET A 231 -9.35 -0.24 -0.07
C MET A 231 -9.47 0.46 -1.41
N ARG A 232 -10.03 1.69 -1.40
CA ARG A 232 -10.07 2.48 -2.63
C ARG A 232 -8.67 2.75 -3.15
N GLY A 233 -7.71 2.94 -2.25
CA GLY A 233 -6.32 3.11 -2.65
C GLY A 233 -5.69 1.88 -3.25
N CYS A 234 -6.20 0.69 -2.91
CA CYS A 234 -5.69 -0.53 -3.52
C CYS A 234 -6.34 -0.81 -4.87
N GLN A 235 -7.59 -0.37 -5.06
CA GLN A 235 -8.22 -0.50 -6.37
C GLN A 235 -7.44 0.28 -7.41
N GLY A 236 -7.09 1.53 -7.08
CA GLY A 236 -6.19 2.29 -7.93
C GLY A 236 -4.82 1.68 -8.05
N ALA A 237 -4.40 0.89 -7.05
CA ALA A 237 -3.13 0.18 -7.18
C ALA A 237 -3.23 -0.99 -8.14
N LEU A 238 -4.41 -1.60 -8.23
CA LEU A 238 -4.61 -2.70 -9.16
C LEU A 238 -4.78 -2.21 -10.60
N LEU A 239 -5.36 -1.02 -10.78
CA LEU A 239 -5.39 -0.42 -12.11
C LEU A 239 -3.98 -0.07 -12.59
N TYR A 240 -3.20 0.56 -11.72
CA TYR A 240 -1.80 0.87 -12.01
C TYR A 240 -1.03 -0.40 -12.35
N ALA A 241 -1.36 -1.51 -11.69
CA ALA A 241 -0.68 -2.76 -11.96
C ALA A 241 -1.03 -3.31 -13.34
N GLY A 242 -2.33 -3.29 -13.68
CA GLY A 242 -2.75 -3.78 -14.98
C GLY A 242 -2.28 -2.88 -16.11
N ASP A 243 -2.19 -1.57 -15.87
CA ASP A 243 -1.66 -0.66 -16.88
C ASP A 243 -0.25 -1.05 -17.29
N ALA A 244 0.54 -1.57 -16.35
CA ALA A 244 1.89 -2.01 -16.62
C ALA A 244 1.95 -3.47 -17.07
N ASN A 245 0.95 -4.29 -16.73
CA ASN A 245 0.91 -5.68 -17.18
C ASN A 245 0.38 -5.81 -18.60
N ARG A 246 -0.59 -4.98 -19.00
CA ARG A 246 -1.02 -4.95 -20.39
C ARG A 246 0.10 -4.42 -21.28
N GLU A 247 0.74 -3.34 -20.85
CA GLU A 247 1.92 -2.83 -21.54
C GLU A 247 3.07 -3.83 -21.51
N GLN A 248 3.08 -4.75 -20.54
CA GLN A 248 4.03 -5.86 -20.58
C GLN A 248 3.63 -6.87 -21.64
N TYR A 249 2.34 -7.22 -21.70
CA TYR A 249 1.88 -8.20 -22.67
C TYR A 249 2.14 -7.74 -24.10
N ASN A 250 2.10 -6.43 -24.33
CA ASN A 250 2.43 -5.88 -25.64
C ASN A 250 3.93 -5.88 -25.92
N GLU A 251 4.74 -5.75 -24.87
CA GLU A 251 6.20 -5.70 -25.04
C GLU A 251 6.79 -7.06 -25.40
N GLN A 252 5.99 -8.13 -25.37
CA GLN A 252 6.49 -9.47 -25.60
C GLN A 252 5.99 -10.08 -26.91
N ILE A 253 5.52 -9.26 -27.84
CA ILE A 253 5.19 -9.76 -29.17
C ILE A 253 6.47 -10.01 -29.97
N ARG A 254 7.57 -9.37 -29.61
CA ARG A 254 8.86 -9.66 -30.22
C ARG A 254 9.24 -11.12 -29.98
N PRO A 255 9.52 -11.89 -31.04
CA PRO A 255 10.13 -13.21 -30.83
C PRO A 255 11.56 -13.03 -30.36
N THR A 256 11.90 -13.69 -29.26
CA THR A 256 13.21 -13.54 -28.63
C THR A 256 13.96 -14.86 -28.70
N LEU A 257 15.13 -14.85 -29.33
CA LEU A 257 15.93 -16.06 -29.44
C LEU A 257 16.41 -16.53 -28.07
N MET A 258 16.67 -15.60 -27.15
CA MET A 258 16.97 -15.94 -25.78
C MET A 258 15.75 -16.57 -25.12
N PRO A 259 15.94 -17.31 -24.03
CA PRO A 259 14.81 -17.72 -23.20
C PRO A 259 14.04 -16.51 -22.70
N PRO A 260 12.76 -16.37 -23.09
CA PRO A 260 12.02 -15.16 -22.73
C PRO A 260 11.87 -14.98 -21.23
N VAL A 261 12.56 -13.98 -20.69
CA VAL A 261 12.53 -13.74 -19.25
C VAL A 261 11.13 -13.32 -18.82
N ALA A 262 10.57 -14.04 -17.86
CA ALA A 262 9.20 -13.83 -17.44
C ALA A 262 9.13 -12.76 -16.35
N PRO A 263 8.07 -11.96 -16.34
CA PRO A 263 7.87 -11.00 -15.26
C PRO A 263 7.57 -11.74 -13.96
N PRO A 264 8.12 -11.27 -12.84
CA PRO A 264 7.84 -11.93 -11.56
C PRO A 264 6.36 -11.84 -11.22
N LYS A 265 5.79 -12.98 -10.83
CA LYS A 265 4.38 -13.09 -10.51
C LYS A 265 4.21 -13.49 -9.05
N MET A 266 3.07 -13.10 -8.48
CA MET A 266 2.68 -13.54 -7.15
C MET A 266 2.14 -14.96 -7.24
N SER A 267 2.69 -15.85 -6.40
CA SER A 267 2.36 -17.28 -6.47
C SER A 267 1.11 -17.55 -5.65
N GLY A 268 -0.05 -17.26 -6.25
CA GLY A 268 -1.31 -17.55 -5.60
C GLY A 268 -1.62 -16.60 -4.46
N LEU A 269 -2.70 -16.93 -3.75
CA LEU A 269 -3.17 -16.09 -2.66
C LEU A 269 -2.15 -16.00 -1.52
N HIS A 270 -1.14 -16.87 -1.52
CA HIS A 270 -0.28 -17.04 -0.36
C HIS A 270 0.96 -16.14 -0.44
N TRP A 271 0.71 -14.83 -0.41
CA TRP A 271 1.74 -13.89 0.00
C TRP A 271 1.32 -13.27 1.33
N ARG A 272 2.32 -13.02 2.18
CA ARG A 272 2.10 -12.92 3.62
C ARG A 272 1.12 -11.82 3.97
N ASP A 273 1.36 -10.59 3.48
CA ASP A 273 0.52 -9.47 3.83
C ASP A 273 -0.91 -9.68 3.33
N HIS A 274 -1.06 -10.31 2.16
CA HIS A 274 -2.39 -10.59 1.64
C HIS A 274 -3.11 -11.65 2.47
N GLU A 275 -2.38 -12.67 2.92
CA GLU A 275 -2.96 -13.68 3.80
C GLU A 275 -3.53 -13.05 5.06
N VAL A 276 -2.82 -12.09 5.64
CA VAL A 276 -3.28 -11.45 6.86
C VAL A 276 -4.52 -10.61 6.61
N LEU A 277 -4.54 -9.87 5.49
CA LEU A 277 -5.62 -8.93 5.25
C LEU A 277 -6.95 -9.64 5.03
N ILE A 278 -6.95 -10.73 4.28
CA ILE A 278 -8.19 -11.45 4.03
C ILE A 278 -8.67 -12.17 5.28
N LYS A 279 -7.76 -12.60 6.14
CA LYS A 279 -8.17 -13.16 7.43
C LYS A 279 -8.78 -12.08 8.32
N GLU A 280 -8.23 -10.86 8.27
CA GLU A 280 -8.80 -9.75 9.01
C GLU A 280 -10.16 -9.37 8.44
N LEU A 281 -10.27 -9.29 7.12
CA LEU A 281 -11.54 -8.96 6.48
C LEU A 281 -12.62 -9.97 6.83
N ALA A 282 -12.30 -11.26 6.69
CA ALA A 282 -13.15 -12.29 7.27
C ALA A 282 -13.21 -12.11 8.78
N GLY A 283 -14.36 -12.48 9.37
CA GLY A 283 -14.55 -12.28 10.79
C GLY A 283 -14.73 -10.83 11.21
N SER A 284 -14.47 -9.88 10.32
CA SER A 284 -14.85 -8.49 10.52
C SER A 284 -16.27 -8.23 10.04
N ARG A 285 -16.98 -9.28 9.62
CA ARG A 285 -18.33 -9.13 9.08
C ARG A 285 -19.27 -8.50 10.10
N ASP A 286 -19.29 -9.04 11.32
CA ASP A 286 -20.24 -8.58 12.32
C ASP A 286 -19.96 -7.15 12.77
N ALA A 287 -18.75 -6.64 12.53
CA ALA A 287 -18.46 -5.25 12.88
C ALA A 287 -19.03 -4.29 11.85
N TRP A 288 -18.96 -4.65 10.56
CA TRP A 288 -19.52 -3.78 9.51
C TRP A 288 -21.03 -3.67 9.66
N GLU A 289 -21.71 -4.78 9.92
CA GLU A 289 -23.14 -4.73 10.19
C GLU A 289 -23.43 -3.91 11.43
N TRP A 290 -22.54 -3.99 12.42
CA TRP A 290 -22.73 -3.22 13.66
C TRP A 290 -22.58 -1.73 13.41
N LEU A 291 -21.64 -1.34 12.53
CA LEU A 291 -21.50 0.06 12.18
C LEU A 291 -22.73 0.55 11.41
N SER A 292 -23.24 -0.28 10.50
CA SER A 292 -24.43 0.10 9.73
C SER A 292 -25.64 0.31 10.63
N ALA A 293 -25.73 -0.49 11.71
CA ALA A 293 -26.87 -0.36 12.63
C ALA A 293 -26.75 0.91 13.48
N GLN A 294 -25.54 1.27 13.88
CA GLN A 294 -25.33 2.46 14.69
C GLN A 294 -25.37 3.75 13.88
N GLY A 295 -25.82 3.70 12.63
CA GLY A 295 -26.00 4.90 11.83
C GLY A 295 -24.81 5.34 11.01
N SER A 296 -23.85 4.46 10.75
CA SER A 296 -22.68 4.83 9.97
C SER A 296 -22.96 4.66 8.47
N GLU A 297 -22.22 5.44 7.67
CA GLU A 297 -22.33 5.38 6.22
C GLU A 297 -21.12 4.75 5.56
N ARG A 298 -20.07 4.42 6.31
CA ARG A 298 -18.88 3.73 5.82
C ARG A 298 -19.18 2.31 5.39
N PRO A 299 -20.01 1.53 6.12
CA PRO A 299 -20.31 0.16 5.64
C PRO A 299 -20.82 0.09 4.21
N ALA A 300 -21.55 1.10 3.74
CA ALA A 300 -22.02 1.10 2.36
C ALA A 300 -20.86 1.37 1.40
N THR A 301 -20.21 2.52 1.56
CA THR A 301 -19.13 2.92 0.65
C THR A 301 -17.93 1.99 0.71
N PHE A 302 -17.82 1.15 1.73
CA PHE A 302 -16.72 0.18 1.77
C PHE A 302 -17.01 -1.01 0.88
N ARG A 303 -18.22 -1.59 1.01
CA ARG A 303 -18.65 -2.65 0.12
C ARG A 303 -18.54 -2.25 -1.34
N ALA A 304 -18.74 -0.96 -1.64
CA ALA A 304 -18.50 -0.46 -2.97
C ALA A 304 -17.02 -0.59 -3.33
N ALA A 305 -16.14 -0.06 -2.48
CA ALA A 305 -14.70 -0.17 -2.73
C ALA A 305 -14.23 -1.61 -2.66
N LEU A 306 -14.89 -2.44 -1.85
CA LEU A 306 -14.51 -3.84 -1.76
C LEU A 306 -14.73 -4.56 -3.08
N ALA A 307 -15.91 -4.37 -3.69
CA ALA A 307 -16.19 -5.00 -4.98
C ALA A 307 -15.37 -4.37 -6.09
N GLU A 308 -15.16 -3.05 -6.04
CA GLU A 308 -14.31 -2.40 -7.02
C GLU A 308 -12.90 -2.98 -7.00
N THR A 309 -12.40 -3.35 -5.82
CA THR A 309 -11.06 -3.90 -5.71
C THR A 309 -11.01 -5.35 -6.19
N TYR A 310 -12.02 -6.15 -5.82
CA TYR A 310 -12.05 -7.54 -6.25
C TYR A 310 -12.13 -7.66 -7.77
N ASP A 311 -12.90 -6.78 -8.42
CA ASP A 311 -12.99 -6.76 -9.87
C ASP A 311 -11.66 -6.38 -10.51
N SER A 312 -10.91 -5.48 -9.88
CA SER A 312 -9.66 -4.97 -10.42
C SER A 312 -8.50 -5.96 -10.37
N HIS A 313 -8.71 -7.15 -9.79
CA HIS A 313 -7.69 -8.21 -9.85
C HIS A 313 -7.56 -8.75 -11.26
N ILE A 314 -8.67 -8.73 -12.01
CA ILE A 314 -8.67 -9.23 -13.39
C ILE A 314 -7.72 -8.36 -14.20
N GLY A 315 -6.76 -9.00 -14.86
CA GLY A 315 -5.72 -8.29 -15.58
C GLY A 315 -4.45 -8.07 -14.79
N VAL A 316 -4.41 -8.45 -13.52
CA VAL A 316 -3.24 -8.28 -12.66
C VAL A 316 -2.77 -9.60 -12.08
N CYS A 317 -3.66 -10.31 -11.38
CA CYS A 317 -3.31 -11.57 -10.74
C CYS A 317 -3.51 -12.73 -11.72
N GLY A 318 -2.54 -13.64 -11.76
CA GLY A 318 -2.60 -14.80 -12.62
C GLY A 318 -3.75 -15.73 -12.31
N HIS A 319 -3.75 -16.29 -11.10
CA HIS A 319 -4.82 -17.15 -10.64
C HIS A 319 -6.08 -16.34 -10.42
N PHE A 320 -6.55 -15.70 -11.48
CA PHE A 320 -7.63 -14.73 -11.39
C PHE A 320 -8.11 -14.36 -12.78
FE HEC B . -6.32 -10.35 -3.48
CHA HEC B . -9.14 -12.23 -2.70
CHB HEC B . -7.55 -7.77 -1.67
CHC HEC B . -3.80 -8.23 -4.72
CHD HEC B . -5.01 -12.90 -5.24
NA HEC B . -8.01 -10.07 -2.38
C1A HEC B . -9.08 -10.94 -2.22
C2A HEC B . -10.10 -10.26 -1.45
C3A HEC B . -9.66 -9.04 -1.16
C4A HEC B . -8.35 -8.89 -1.75
CMA HEC B . -10.41 -7.94 -0.37
CAA HEC B . -11.45 -10.86 -1.04
CBA HEC B . -11.37 -11.23 0.45
CGA HEC B . -12.64 -11.91 0.87
O1A HEC B . -12.84 -12.09 2.09
O2A HEC B . -13.43 -12.26 -0.04
NB HEC B . -5.78 -8.37 -3.27
C1B HEC B . -6.43 -7.51 -2.42
C2B HEC B . -5.73 -6.24 -2.43
C3B HEC B . -4.69 -6.35 -3.27
C4B HEC B . -4.70 -7.69 -3.82
CMB HEC B . -6.18 -5.03 -1.59
CAB HEC B . -3.66 -5.25 -3.61
CBB HEC B . -2.81 -4.95 -2.36
NC HEC B . -4.69 -10.51 -4.72
C1C HEC B . -3.81 -9.54 -5.15
C2C HEC B . -2.78 -10.19 -5.95
C3C HEC B . -3.26 -11.40 -6.25
C4C HEC B . -4.38 -11.68 -5.38
CMC HEC B . -1.79 -9.43 -6.84
CAC HEC B . -2.61 -12.47 -7.15
CBC HEC B . -1.69 -13.34 -6.27
ND HEC B . -6.98 -12.27 -3.89
C1D HEC B . -6.25 -13.15 -4.69
C2D HEC B . -6.99 -14.38 -4.86
C3D HEC B . -8.29 -14.16 -4.07
C4D HEC B . -8.19 -12.84 -3.50
CMD HEC B . -6.57 -15.62 -5.67
CAD HEC B . -9.45 -15.16 -3.91
CBD HEC B . -10.30 -15.12 -5.18
CGD HEC B . -11.50 -16.01 -5.01
O1D HEC B . -11.54 -16.80 -4.04
O2D HEC B . -12.43 -15.93 -5.87
#